data_8H6T
#
_entry.id   8H6T
#
_cell.length_a   101.970
_cell.length_b   101.970
_cell.length_c   151.617
_cell.angle_alpha   90.00
_cell.angle_beta   90.00
_cell.angle_gamma   90.00
#
_symmetry.space_group_name_H-M   'P 41 21 2'
#
loop_
_entity.id
_entity.type
_entity.pdbx_description
1 polymer 'Cyclin-dependent kinase 2'
2 polymer 'G1/S-specific cyclin-E1'
3 non-polymer '(1R,3S)-3-{3-[(pyridin-2-yl)amino]-1H-pyrazol-5-yl}cyclopentyl propan-2-ylcarbamate'
4 water water
#
loop_
_entity_poly.entity_id
_entity_poly.type
_entity_poly.pdbx_seq_one_letter_code
_entity_poly.pdbx_strand_id
1 'polypeptide(L)'
;PMENFQKVEKIGEGTYGVVYKARNKLTGEVVALKKIRLDTETEGVPSTAIREISLLKELNHPNIVKLLDVIHTENKLYLV
FEFLHQDLKKFMDASALTGIPLPLIKSYLFQLLQGLAFCHSHRVLHRDLKPQNLLINTEGAIKLADFGLARAFGVPVRTY
(TPO)HEVVTLWYRAPEILLGCKYYSTAVDIWSLGCIFAEMVTRRALFPGDSEIDQLFRIFRTLGTPDEVVWPGVTSMPD
YKPSFPKWARQDFSKVVPPLDEDGRSLLSQMLHYDPNKRISAKAALAHPFFQDVTKPVPHLR
;
A
2 'polypeptide(L)'
;GSPLPVLSWANREEVWKIMLNKEKTYLRDQHFLEQHPLLQPKMRAILLDWLMEVCEVYKLHRETFYLAQDFFDRYMATQE
NVVKTLLQLIGISSLFIAAKLEEIYPPKLHQFAYVTDGACSGDEILTMELMIMKALKWRLSPLTIVSWLNVYMQVAYLND
LHEVLLPQYPQQIFIQIAELLDLCVLDVDCLEFPYGILAASALYHFSSSELMQKVSGYQWCDIENCVKWMVPFAMVIRET
GSSKLKHFRGVADEDAHNIQTHRDSLDLLDKA
;
B
#
# COMPACT_ATOMS: atom_id res chain seq x y z
N PRO A 1 -9.51 -5.62 -29.82
CA PRO A 1 -8.79 -5.30 -28.57
C PRO A 1 -7.58 -4.37 -28.83
N MET A 2 -6.51 -4.87 -29.46
CA MET A 2 -5.20 -4.17 -29.57
C MET A 2 -5.05 -3.51 -30.96
N GLU A 3 -6.11 -3.56 -31.75
CA GLU A 3 -6.09 -3.42 -33.23
C GLU A 3 -5.63 -2.02 -33.67
N ASN A 4 -5.63 -1.01 -32.79
CA ASN A 4 -5.35 0.40 -33.15
C ASN A 4 -3.87 0.77 -32.88
N PHE A 5 -3.10 -0.15 -32.26
CA PHE A 5 -1.74 0.09 -31.69
C PHE A 5 -0.63 -0.60 -32.50
N GLN A 6 0.32 0.18 -33.01
CA GLN A 6 1.46 -0.30 -33.84
C GLN A 6 2.73 -0.19 -32.97
N LYS A 7 3.19 -1.32 -32.39
CA LYS A 7 4.50 -1.35 -31.69
C LYS A 7 5.49 -0.62 -32.59
N VAL A 8 6.17 0.42 -32.13
CA VAL A 8 7.14 1.15 -32.99
C VAL A 8 8.56 0.70 -32.65
N GLU A 9 8.85 0.41 -31.39
CA GLU A 9 10.22 0.16 -30.85
C GLU A 9 10.13 -0.30 -29.40
N LYS A 10 10.90 -1.32 -28.98
CA LYS A 10 10.92 -1.76 -27.57
C LYS A 10 11.88 -0.86 -26.76
N ILE A 11 11.48 -0.44 -25.55
CA ILE A 11 12.27 0.52 -24.71
C ILE A 11 12.83 -0.18 -23.47
N GLY A 12 12.42 -1.39 -23.14
CA GLY A 12 12.98 -2.08 -21.96
C GLY A 12 12.27 -3.38 -21.64
N GLU A 13 13.04 -4.40 -21.26
CA GLU A 13 12.53 -5.67 -20.64
C GLU A 13 13.40 -6.03 -19.43
N GLY A 14 12.83 -5.92 -18.23
CA GLY A 14 13.51 -6.15 -16.94
C GLY A 14 12.54 -6.79 -15.95
N THR A 15 12.72 -6.43 -14.66
CA THR A 15 11.90 -6.86 -13.49
C THR A 15 10.43 -6.38 -13.64
N TYR A 16 10.11 -5.60 -14.70
CA TYR A 16 8.78 -5.00 -14.97
C TYR A 16 7.90 -5.91 -15.86
N GLY A 17 8.48 -6.85 -16.62
CA GLY A 17 7.82 -7.56 -17.74
C GLY A 17 8.47 -7.15 -19.05
N VAL A 18 7.73 -7.08 -20.17
CA VAL A 18 8.22 -6.48 -21.46
C VAL A 18 7.66 -5.07 -21.58
N VAL A 19 8.31 -4.17 -22.33
CA VAL A 19 7.78 -2.78 -22.57
C VAL A 19 8.23 -2.23 -23.93
N TYR A 20 7.28 -2.11 -24.88
CA TYR A 20 7.46 -1.48 -26.22
C TYR A 20 6.72 -0.16 -26.25
N LYS A 21 7.27 0.84 -26.96
CA LYS A 21 6.59 2.10 -27.36
C LYS A 21 5.60 1.78 -28.49
N ALA A 22 4.38 2.28 -28.40
CA ALA A 22 3.30 1.97 -29.36
C ALA A 22 2.85 3.27 -30.03
N ARG A 23 2.20 3.14 -31.19
CA ARG A 23 1.51 4.23 -31.94
C ARG A 23 0.02 3.90 -31.95
N ASN A 24 -0.83 4.92 -31.79
CA ASN A 24 -2.29 4.83 -32.08
C ASN A 24 -2.49 5.31 -33.53
N LYS A 25 -2.75 4.37 -34.44
CA LYS A 25 -2.69 4.55 -35.93
C LYS A 25 -3.59 5.72 -36.37
N LEU A 26 -4.84 5.79 -35.89
CA LEU A 26 -5.87 6.76 -36.34
C LEU A 26 -5.57 8.18 -35.77
N THR A 27 -4.73 8.25 -34.73
CA THR A 27 -4.56 9.40 -33.79
C THR A 27 -3.18 10.07 -33.84
N GLY A 28 -2.13 9.27 -34.05
CA GLY A 28 -0.73 9.70 -33.82
C GLY A 28 -0.45 9.81 -32.33
N GLU A 29 -1.15 9.01 -31.52
CA GLU A 29 -1.04 8.93 -30.04
C GLU A 29 0.04 7.92 -29.67
N VAL A 30 1.10 8.40 -29.01
CA VAL A 30 2.29 7.58 -28.62
C VAL A 30 2.14 7.22 -27.14
N VAL A 31 1.93 5.94 -26.84
CA VAL A 31 1.78 5.42 -25.45
C VAL A 31 2.95 4.48 -25.16
N ALA A 32 3.16 4.09 -23.90
CA ALA A 32 4.00 2.94 -23.50
C ALA A 32 3.09 1.74 -23.25
N LEU A 33 3.48 0.54 -23.73
CA LEU A 33 2.77 -0.74 -23.47
C LEU A 33 3.69 -1.61 -22.62
N LYS A 34 3.13 -2.23 -21.58
CA LYS A 34 3.76 -3.34 -20.80
C LYS A 34 3.01 -4.62 -21.15
N LYS A 35 3.68 -5.60 -21.79
CA LYS A 35 3.11 -6.90 -22.18
C LYS A 35 3.38 -7.85 -21.02
N ILE A 36 2.37 -8.65 -20.65
CA ILE A 36 2.42 -9.68 -19.58
C ILE A 36 1.92 -11.00 -20.18
N ARG A 37 2.80 -12.00 -20.27
CA ARG A 37 2.54 -13.30 -20.92
C ARG A 37 1.89 -14.23 -19.89
N LEU A 38 0.56 -14.43 -19.99
CA LEU A 38 -0.26 -15.04 -18.92
C LEU A 38 -0.04 -16.56 -18.88
N ASP A 39 -0.07 -17.20 -20.05
CA ASP A 39 0.35 -18.62 -20.29
C ASP A 39 1.54 -18.99 -19.38
N THR A 40 2.69 -18.30 -19.51
CA THR A 40 3.97 -18.50 -18.74
C THR A 40 3.75 -18.57 -17.22
N GLU A 41 2.65 -18.01 -16.72
CA GLU A 41 2.39 -17.88 -15.27
C GLU A 41 1.61 -19.10 -14.79
N THR A 42 2.24 -19.95 -13.98
CA THR A 42 1.53 -20.96 -13.14
C THR A 42 0.44 -20.28 -12.30
N GLU A 43 0.80 -19.15 -11.67
CA GLU A 43 0.09 -18.56 -10.51
C GLU A 43 -0.85 -17.46 -10.99
N GLY A 44 -1.32 -17.53 -12.22
CA GLY A 44 -2.27 -16.54 -12.77
C GLY A 44 -1.63 -15.17 -12.86
N VAL A 45 -2.44 -14.11 -12.86
CA VAL A 45 -1.96 -12.71 -13.02
C VAL A 45 -1.03 -12.39 -11.85
N PRO A 46 0.26 -12.05 -12.10
CA PRO A 46 1.21 -11.77 -11.03
C PRO A 46 0.76 -10.85 -9.89
N SER A 47 1.19 -11.17 -8.66
CA SER A 47 1.05 -10.31 -7.45
C SER A 47 1.47 -8.88 -7.81
N THR A 48 2.71 -8.72 -8.26
CA THR A 48 3.31 -7.40 -8.62
C THR A 48 2.41 -6.62 -9.60
N ALA A 49 1.67 -7.29 -10.48
CA ALA A 49 0.80 -6.69 -11.53
C ALA A 49 -0.51 -6.19 -10.93
N ILE A 50 -1.20 -7.05 -10.19
CA ILE A 50 -2.50 -6.68 -9.54
C ILE A 50 -2.26 -5.45 -8.66
N ARG A 51 -1.16 -5.41 -7.93
CA ARG A 51 -0.80 -4.24 -7.10
C ARG A 51 -0.68 -3.00 -8.01
N GLU A 52 0.37 -2.95 -8.86
CA GLU A 52 0.75 -1.75 -9.69
C GLU A 52 -0.46 -1.19 -10.44
N ILE A 53 -1.38 -2.03 -10.89
CA ILE A 53 -2.66 -1.61 -11.53
C ILE A 53 -3.52 -0.83 -10.52
N SER A 54 -4.05 -1.47 -9.45
CA SER A 54 -5.10 -0.83 -8.60
C SER A 54 -4.53 0.42 -7.95
N LEU A 55 -3.23 0.43 -7.61
CA LEU A 55 -2.54 1.63 -7.04
C LEU A 55 -2.57 2.76 -8.07
N LEU A 56 -2.00 2.55 -9.27
CA LEU A 56 -1.92 3.58 -10.33
C LEU A 56 -3.35 4.04 -10.72
N LYS A 57 -4.36 3.16 -10.60
CA LYS A 57 -5.76 3.57 -10.87
C LYS A 57 -6.09 4.78 -10.00
N GLU A 58 -5.72 4.74 -8.71
CA GLU A 58 -6.09 5.80 -7.72
C GLU A 58 -4.89 6.71 -7.43
N LEU A 59 -3.81 6.64 -8.20
CA LEU A 59 -2.63 7.55 -8.01
C LEU A 59 -2.52 8.55 -9.19
N ASN A 60 -3.65 9.10 -9.64
CA ASN A 60 -3.66 10.16 -10.68
C ASN A 60 -3.01 11.46 -10.19
N HIS A 61 -1.89 11.84 -10.81
CA HIS A 61 -1.15 13.08 -10.45
C HIS A 61 -0.22 13.38 -11.61
N PRO A 62 0.12 14.66 -11.88
CA PRO A 62 1.01 15.04 -12.98
C PRO A 62 2.48 14.59 -12.95
N ASN A 63 3.01 14.22 -11.76
CA ASN A 63 4.43 13.77 -11.59
C ASN A 63 4.47 12.25 -11.36
N ILE A 64 3.33 11.58 -11.38
CA ILE A 64 3.27 10.10 -11.45
C ILE A 64 2.99 9.72 -12.91
N VAL A 65 3.61 8.68 -13.43
CA VAL A 65 3.28 8.24 -14.81
C VAL A 65 1.94 7.50 -14.78
N LYS A 66 1.08 7.90 -15.71
CA LYS A 66 -0.37 7.62 -15.75
C LYS A 66 -0.64 6.27 -16.38
N LEU A 67 -1.37 5.38 -15.69
CA LEU A 67 -2.05 4.19 -16.28
C LEU A 67 -3.26 4.72 -17.05
N LEU A 68 -3.51 4.24 -18.28
CA LEU A 68 -4.56 4.79 -19.18
C LEU A 68 -5.58 3.70 -19.53
N ASP A 69 -5.28 2.42 -19.36
CA ASP A 69 -6.18 1.31 -19.79
C ASP A 69 -5.51 -0.03 -19.42
N VAL A 70 -6.31 -1.08 -19.30
CA VAL A 70 -5.86 -2.48 -19.03
C VAL A 70 -6.65 -3.39 -19.99
N ILE A 71 -5.95 -4.17 -20.82
CA ILE A 71 -6.52 -4.93 -21.98
C ILE A 71 -6.07 -6.40 -21.90
N HIS A 72 -7.05 -7.32 -21.85
CA HIS A 72 -6.86 -8.80 -21.77
C HIS A 72 -7.24 -9.43 -23.12
N THR A 73 -6.28 -10.08 -23.80
CA THR A 73 -6.50 -10.89 -25.03
C THR A 73 -5.60 -12.14 -24.99
N GLU A 74 -6.14 -13.28 -25.46
CA GLU A 74 -5.38 -14.48 -25.91
C GLU A 74 -4.27 -14.85 -24.92
N ASN A 75 -4.56 -14.83 -23.62
CA ASN A 75 -3.58 -15.25 -22.60
C ASN A 75 -2.37 -14.28 -22.64
N LYS A 76 -2.65 -13.01 -22.87
CA LYS A 76 -1.69 -11.87 -22.77
C LYS A 76 -2.40 -10.64 -22.18
N LEU A 77 -1.91 -10.11 -21.06
CA LEU A 77 -2.44 -8.83 -20.51
C LEU A 77 -1.56 -7.67 -20.99
N TYR A 78 -2.17 -6.49 -21.21
CA TYR A 78 -1.48 -5.26 -21.66
C TYR A 78 -1.84 -4.11 -20.72
N LEU A 79 -0.83 -3.56 -20.06
CA LEU A 79 -0.92 -2.25 -19.36
C LEU A 79 -0.51 -1.20 -20.39
N VAL A 80 -1.19 -0.05 -20.36
CA VAL A 80 -1.04 1.04 -21.38
C VAL A 80 -0.86 2.35 -20.62
N PHE A 81 0.36 2.88 -20.63
CA PHE A 81 0.83 4.05 -19.84
C PHE A 81 1.11 5.24 -20.76
N GLU A 82 0.83 6.45 -20.27
CA GLU A 82 1.48 7.73 -20.68
C GLU A 82 2.96 7.43 -21.03
N PHE A 83 3.48 7.98 -22.14
CA PHE A 83 4.84 7.67 -22.68
C PHE A 83 5.74 8.90 -22.46
N LEU A 84 7.00 8.65 -22.06
CA LEU A 84 8.06 9.68 -22.03
C LEU A 84 9.32 9.13 -22.72
N HIS A 85 10.15 10.04 -23.26
CA HIS A 85 11.19 9.71 -24.26
C HIS A 85 12.41 9.10 -23.54
N GLN A 86 12.98 9.82 -22.57
CA GLN A 86 14.28 9.47 -21.94
C GLN A 86 14.04 9.10 -20.47
N ASP A 87 14.98 8.37 -19.85
CA ASP A 87 15.01 8.07 -18.40
C ASP A 87 16.11 8.92 -17.77
N LEU A 88 16.04 9.14 -16.45
CA LEU A 88 16.89 10.15 -15.78
C LEU A 88 18.32 9.64 -15.69
N LYS A 89 18.57 8.35 -15.83
CA LYS A 89 19.98 7.95 -15.78
C LYS A 89 20.60 8.32 -17.13
N LYS A 90 20.02 7.85 -18.25
CA LYS A 90 20.61 8.11 -19.59
C LYS A 90 20.80 9.63 -19.78
N PHE A 91 19.88 10.47 -19.27
CA PHE A 91 20.04 11.95 -19.26
C PHE A 91 21.28 12.35 -18.47
N MET A 92 21.28 12.03 -17.16
CA MET A 92 22.38 12.32 -16.19
C MET A 92 23.72 11.91 -16.80
N ASP A 93 23.72 10.79 -17.53
CA ASP A 93 24.89 10.27 -18.28
C ASP A 93 25.20 11.23 -19.44
N ALA A 94 24.24 11.51 -20.34
CA ALA A 94 24.43 12.43 -21.50
C ALA A 94 25.04 13.76 -21.04
N SER A 95 24.64 14.27 -19.87
CA SER A 95 25.09 15.57 -19.31
C SER A 95 26.19 15.36 -18.26
N ALA A 96 26.95 14.27 -18.32
CA ALA A 96 28.03 13.96 -17.34
C ALA A 96 29.22 14.91 -17.49
N LEU A 97 29.47 15.48 -18.68
CA LEU A 97 30.60 16.43 -18.91
C LEU A 97 30.12 17.84 -18.63
N THR A 98 29.03 18.23 -19.31
CA THR A 98 28.46 19.60 -19.36
C THR A 98 28.04 20.07 -17.96
N GLY A 99 27.72 19.16 -17.03
CA GLY A 99 26.93 19.45 -15.81
C GLY A 99 25.44 19.47 -16.11
N ILE A 100 24.59 19.45 -15.07
CA ILE A 100 23.12 19.70 -15.17
C ILE A 100 22.86 21.08 -14.57
N PRO A 101 22.20 21.98 -15.33
CA PRO A 101 21.81 23.28 -14.79
C PRO A 101 21.16 23.17 -13.39
N LEU A 102 21.63 23.94 -12.39
CA LEU A 102 21.03 23.92 -11.03
C LEU A 102 19.56 24.37 -11.07
N PRO A 103 19.20 25.36 -11.89
CA PRO A 103 17.79 25.57 -12.22
C PRO A 103 16.99 24.27 -12.40
N LEU A 104 17.53 23.30 -13.14
CA LEU A 104 16.79 22.10 -13.64
C LEU A 104 16.85 21.00 -12.59
N ILE A 105 18.00 20.86 -11.92
CA ILE A 105 18.15 19.99 -10.73
C ILE A 105 17.00 20.32 -9.77
N LYS A 106 16.97 21.56 -9.33
CA LYS A 106 16.01 22.09 -8.33
C LYS A 106 14.60 21.76 -8.79
N SER A 107 14.24 22.25 -9.97
CA SER A 107 12.95 22.02 -10.64
C SER A 107 12.60 20.53 -10.58
N TYR A 108 13.54 19.67 -10.97
CA TYR A 108 13.30 18.20 -11.10
C TYR A 108 12.99 17.64 -9.69
N LEU A 109 13.90 17.87 -8.73
CA LEU A 109 13.77 17.41 -7.32
C LEU A 109 12.38 17.82 -6.82
N PHE A 110 12.02 19.09 -7.03
CA PHE A 110 10.69 19.63 -6.66
C PHE A 110 9.60 18.68 -7.14
N GLN A 111 9.63 18.37 -8.43
CA GLN A 111 8.48 17.70 -9.05
C GLN A 111 8.40 16.28 -8.50
N LEU A 112 9.56 15.68 -8.27
CA LEU A 112 9.68 14.34 -7.64
C LEU A 112 9.03 14.42 -6.24
N LEU A 113 9.35 15.43 -5.46
CA LEU A 113 8.82 15.45 -4.09
C LEU A 113 7.29 15.58 -4.14
N GLN A 114 6.76 16.39 -5.06
CA GLN A 114 5.29 16.50 -5.26
C GLN A 114 4.70 15.12 -5.58
N GLY A 115 5.30 14.33 -6.47
CA GLY A 115 4.86 12.96 -6.73
C GLY A 115 4.90 12.11 -5.47
N LEU A 116 5.97 12.24 -4.70
CA LEU A 116 6.20 11.38 -3.52
C LEU A 116 5.22 11.77 -2.41
N ALA A 117 5.11 13.07 -2.15
CA ALA A 117 4.12 13.70 -1.25
C ALA A 117 2.71 13.22 -1.57
N PHE A 118 2.44 13.03 -2.86
CA PHE A 118 1.13 12.56 -3.34
C PHE A 118 0.99 11.11 -2.90
N CYS A 119 1.99 10.26 -3.19
CA CYS A 119 1.96 8.80 -2.91
C CYS A 119 1.78 8.58 -1.40
N HIS A 120 2.62 9.24 -0.61
CA HIS A 120 2.70 9.09 0.87
C HIS A 120 1.37 9.46 1.53
N SER A 121 0.73 10.55 1.13
CA SER A 121 -0.61 11.01 1.60
C SER A 121 -1.69 10.05 1.09
N HIS A 122 -1.41 9.40 -0.04
CA HIS A 122 -2.24 8.31 -0.58
C HIS A 122 -1.82 7.01 0.10
N ARG A 123 -0.88 7.09 1.05
CA ARG A 123 -0.41 5.98 1.93
C ARG A 123 0.22 4.87 1.08
N VAL A 124 1.18 5.23 0.24
CA VAL A 124 1.84 4.32 -0.74
C VAL A 124 3.35 4.63 -0.75
N LEU A 125 4.17 3.59 -0.64
CA LEU A 125 5.65 3.73 -0.73
C LEU A 125 6.10 3.21 -2.10
N HIS A 126 7.00 3.94 -2.76
CA HIS A 126 7.56 3.52 -4.06
C HIS A 126 8.41 2.27 -3.85
N ARG A 127 9.41 2.39 -2.98
CA ARG A 127 10.35 1.31 -2.55
C ARG A 127 11.30 0.90 -3.69
N ASP A 128 11.30 1.59 -4.84
CA ASP A 128 12.34 1.35 -5.88
C ASP A 128 12.59 2.63 -6.68
N LEU A 129 12.73 3.75 -5.97
CA LEU A 129 13.18 5.04 -6.56
C LEU A 129 14.64 4.87 -6.99
N LYS A 130 14.94 5.20 -8.24
CA LYS A 130 16.29 5.13 -8.88
C LYS A 130 16.21 5.75 -10.28
N PRO A 131 17.32 6.32 -10.79
CA PRO A 131 17.25 7.17 -11.97
C PRO A 131 16.55 6.44 -13.11
N GLN A 132 16.75 5.11 -13.19
CA GLN A 132 16.09 4.19 -14.17
C GLN A 132 14.55 4.35 -14.18
N ASN A 133 13.95 4.71 -13.03
CA ASN A 133 12.48 4.72 -12.80
C ASN A 133 12.03 6.18 -12.62
N LEU A 134 12.87 7.12 -13.10
CA LEU A 134 12.49 8.55 -13.21
C LEU A 134 12.53 8.95 -14.69
N LEU A 135 11.35 9.20 -15.26
CA LEU A 135 11.16 9.50 -16.70
C LEU A 135 10.91 10.98 -16.88
N ILE A 136 11.59 11.56 -17.89
CA ILE A 136 11.58 13.00 -18.26
C ILE A 136 11.03 13.12 -19.68
N ASN A 137 10.13 14.08 -19.95
CA ASN A 137 9.65 14.39 -21.34
C ASN A 137 10.40 15.64 -21.81
N THR A 138 10.05 16.12 -23.02
CA THR A 138 10.77 17.17 -23.82
C THR A 138 10.32 18.59 -23.45
N GLU A 139 9.28 18.70 -22.60
CA GLU A 139 8.70 19.94 -22.06
C GLU A 139 9.32 20.22 -20.68
N GLY A 140 10.31 19.42 -20.25
CA GLY A 140 11.03 19.59 -18.97
C GLY A 140 10.31 19.04 -17.74
N ALA A 141 9.30 18.16 -17.90
CA ALA A 141 8.64 17.42 -16.79
C ALA A 141 9.51 16.23 -16.38
N ILE A 142 9.35 15.76 -15.12
CA ILE A 142 9.95 14.48 -14.57
C ILE A 142 8.90 13.76 -13.73
N LYS A 143 8.88 12.42 -13.73
CA LYS A 143 7.72 11.65 -13.20
C LYS A 143 8.11 10.27 -12.69
N LEU A 144 7.51 9.85 -11.57
CA LEU A 144 7.72 8.52 -10.94
C LEU A 144 7.11 7.45 -11.85
N ALA A 145 7.84 6.34 -12.05
CA ALA A 145 7.45 5.18 -12.87
C ALA A 145 7.77 3.89 -12.11
N ASP A 146 7.11 2.76 -12.43
CA ASP A 146 7.51 1.40 -11.95
C ASP A 146 7.05 1.19 -10.49
N PHE A 147 5.76 0.90 -10.31
CA PHE A 147 5.11 0.71 -8.99
C PHE A 147 4.89 -0.78 -8.71
N GLY A 148 5.70 -1.66 -9.34
CA GLY A 148 5.73 -3.10 -9.07
C GLY A 148 6.14 -3.41 -7.64
N LEU A 149 7.19 -2.76 -7.12
CA LEU A 149 7.66 -2.96 -5.71
C LEU A 149 7.00 -1.96 -4.74
N ALA A 150 5.91 -1.29 -5.11
CA ALA A 150 5.14 -0.39 -4.21
C ALA A 150 4.11 -1.19 -3.42
N ARG A 151 3.52 -0.55 -2.41
CA ARG A 151 2.80 -1.20 -1.28
C ARG A 151 2.18 -0.11 -0.39
N ALA A 152 0.86 -0.19 -0.14
CA ALA A 152 0.11 0.72 0.77
C ALA A 152 0.49 0.38 2.21
N PHE A 153 0.39 1.34 3.13
CA PHE A 153 0.82 1.14 4.54
C PHE A 153 -0.36 1.50 5.43
N GLY A 154 -1.10 0.50 5.93
CA GLY A 154 -2.17 0.70 6.93
C GLY A 154 -1.69 1.66 8.02
N VAL A 155 -2.32 2.85 8.17
CA VAL A 155 -1.76 4.06 8.85
C VAL A 155 -0.97 3.65 10.11
N PRO A 156 -1.48 2.72 10.98
CA PRO A 156 -0.60 1.95 11.87
C PRO A 156 0.11 0.81 11.11
N VAL A 157 1.22 1.13 10.40
CA VAL A 157 1.90 0.23 9.39
C VAL A 157 2.20 -1.11 10.08
N ARG A 158 2.13 -2.22 9.36
CA ARG A 158 2.70 -3.50 9.87
C ARG A 158 3.98 -3.82 9.10
N THR A 159 4.65 -4.91 9.52
CA THR A 159 5.89 -5.50 8.95
C THR A 159 5.71 -5.73 7.46
N TYR A 160 6.58 -5.16 6.61
CA TYR A 160 6.54 -5.39 5.14
C TYR A 160 7.81 -6.12 4.67
N HIS A 162 11.01 -7.84 3.79
CA HIS A 162 12.29 -7.29 4.24
C HIS A 162 13.05 -6.61 3.10
N GLU A 163 13.65 -7.39 2.19
CA GLU A 163 14.64 -6.90 1.19
C GLU A 163 13.87 -6.18 0.06
N VAL A 164 13.98 -4.86 0.01
CA VAL A 164 13.42 -3.97 -1.06
C VAL A 164 14.51 -2.99 -1.52
N VAL A 165 14.25 -2.23 -2.59
CA VAL A 165 15.10 -1.08 -3.01
C VAL A 165 16.45 -1.62 -3.49
N THR A 166 16.92 -1.22 -4.68
CA THR A 166 18.29 -1.53 -5.19
C THR A 166 19.32 -1.03 -4.20
N LEU A 167 20.39 -1.80 -4.02
CA LEU A 167 21.38 -1.64 -2.94
C LEU A 167 21.80 -0.18 -2.77
N TRP A 168 22.19 0.52 -3.86
CA TRP A 168 22.84 1.86 -3.85
C TRP A 168 21.91 2.93 -3.27
N TYR A 169 20.64 2.77 -3.58
CA TYR A 169 19.57 3.75 -3.31
C TYR A 169 18.89 3.37 -1.99
N ARG A 170 19.37 2.28 -1.37
CA ARG A 170 18.77 1.66 -0.16
C ARG A 170 19.27 2.36 1.11
N ALA A 171 18.33 2.49 2.06
CA ALA A 171 18.42 3.34 3.26
C ALA A 171 19.00 2.53 4.42
N PRO A 172 19.75 3.19 5.34
CA PRO A 172 20.51 2.51 6.38
C PRO A 172 19.64 1.73 7.36
N GLU A 173 18.38 2.11 7.52
CA GLU A 173 17.46 1.35 8.43
C GLU A 173 17.16 -0.01 7.81
N ILE A 174 17.08 -0.13 6.49
CA ILE A 174 16.74 -1.43 5.86
C ILE A 174 18.01 -2.28 5.91
N LEU A 175 19.18 -1.65 5.83
CA LEU A 175 20.46 -2.38 5.74
C LEU A 175 20.78 -2.93 7.13
N LEU A 176 20.48 -2.15 8.18
CA LEU A 176 20.75 -2.52 9.59
C LEU A 176 19.58 -3.34 10.15
N GLY A 177 18.65 -3.79 9.30
CA GLY A 177 17.72 -4.90 9.60
C GLY A 177 16.49 -4.49 10.39
N CYS A 178 16.05 -3.23 10.28
CA CYS A 178 14.84 -2.68 10.94
C CYS A 178 13.64 -3.60 10.65
N LYS A 179 12.71 -3.68 11.60
CA LYS A 179 11.50 -4.56 11.55
C LYS A 179 10.44 -3.89 10.65
N TYR A 180 9.70 -2.92 11.16
CA TYR A 180 8.72 -2.10 10.40
C TYR A 180 9.45 -1.07 9.56
N TYR A 181 8.81 -0.52 8.53
CA TYR A 181 9.32 0.66 7.79
C TYR A 181 8.21 1.41 7.06
N SER A 182 8.51 2.67 6.73
CA SER A 182 7.53 3.64 6.20
C SER A 182 8.17 4.61 5.18
N THR A 183 7.69 5.87 5.20
CA THR A 183 7.88 6.88 4.14
C THR A 183 9.33 7.33 4.02
N ALA A 184 10.15 7.18 5.08
CA ALA A 184 11.49 7.78 5.14
C ALA A 184 12.44 7.01 4.19
N VAL A 185 12.02 5.84 3.69
CA VAL A 185 12.94 5.02 2.83
C VAL A 185 12.99 5.66 1.46
N ASP A 186 11.82 6.12 0.98
CA ASP A 186 11.69 6.85 -0.31
C ASP A 186 12.58 8.10 -0.25
N ILE A 187 12.41 8.96 0.75
CA ILE A 187 13.28 10.16 0.89
C ILE A 187 14.77 9.82 0.68
N TRP A 188 15.33 8.73 1.24
CA TRP A 188 16.80 8.49 1.18
C TRP A 188 17.22 8.26 -0.28
N SER A 189 16.49 7.41 -0.99
CA SER A 189 16.57 7.31 -2.46
C SER A 189 16.69 8.71 -3.07
N LEU A 190 15.68 9.56 -2.86
CA LEU A 190 15.58 10.90 -3.51
C LEU A 190 16.81 11.72 -3.15
N GLY A 191 17.28 11.57 -1.91
CA GLY A 191 18.49 12.28 -1.43
C GLY A 191 19.73 11.76 -2.13
N CYS A 192 19.85 10.45 -2.24
CA CYS A 192 20.95 9.87 -3.02
C CYS A 192 20.90 10.50 -4.41
N ILE A 193 19.71 10.77 -4.96
CA ILE A 193 19.52 11.12 -6.40
C ILE A 193 19.75 12.61 -6.62
N PHE A 194 19.30 13.43 -5.69
CA PHE A 194 19.72 14.84 -5.61
C PHE A 194 21.27 14.87 -5.79
N ALA A 195 22.02 14.29 -4.83
CA ALA A 195 23.50 14.28 -4.84
C ALA A 195 23.99 13.73 -6.19
N GLU A 196 23.41 12.64 -6.65
CA GLU A 196 23.78 12.10 -7.97
C GLU A 196 23.70 13.26 -8.97
N MET A 197 22.53 13.89 -9.08
CA MET A 197 22.25 14.89 -10.13
C MET A 197 23.30 16.00 -10.09
N VAL A 198 23.77 16.32 -8.88
CA VAL A 198 24.74 17.43 -8.61
C VAL A 198 26.13 17.03 -9.10
N THR A 199 26.63 15.86 -8.67
CA THR A 199 28.01 15.31 -8.87
C THR A 199 28.11 14.39 -10.10
N ARG A 200 27.02 14.22 -10.88
CA ARG A 200 26.82 13.18 -11.95
C ARG A 200 27.59 11.89 -11.60
N ARG A 201 27.39 11.37 -10.38
CA ARG A 201 28.07 10.17 -9.82
C ARG A 201 27.25 9.68 -8.61
N ALA A 202 26.87 8.40 -8.57
CA ALA A 202 26.04 7.81 -7.47
C ALA A 202 26.70 8.08 -6.13
N LEU A 203 25.88 8.29 -5.11
CA LEU A 203 26.45 8.77 -3.82
C LEU A 203 27.05 7.59 -3.05
N PHE A 204 26.57 6.36 -3.28
CA PHE A 204 26.88 5.20 -2.40
C PHE A 204 26.87 3.88 -3.18
N PRO A 205 27.80 3.67 -4.13
CA PRO A 205 27.72 2.56 -5.09
C PRO A 205 28.04 1.16 -4.52
N GLY A 206 27.48 0.83 -3.36
CA GLY A 206 27.90 -0.38 -2.64
C GLY A 206 27.79 -1.61 -3.51
N ASP A 207 28.74 -2.54 -3.40
CA ASP A 207 28.71 -3.86 -4.09
C ASP A 207 28.18 -4.95 -3.12
N SER A 208 27.72 -4.58 -1.93
CA SER A 208 27.15 -5.55 -0.94
C SER A 208 26.45 -4.78 0.16
N GLU A 209 25.62 -5.47 0.94
CA GLU A 209 24.96 -4.80 2.08
C GLU A 209 26.06 -4.32 3.03
N ILE A 210 27.14 -5.08 3.22
CA ILE A 210 28.24 -4.62 4.12
C ILE A 210 28.90 -3.38 3.52
N ASP A 211 29.39 -3.46 2.28
CA ASP A 211 30.07 -2.34 1.56
C ASP A 211 29.20 -1.08 1.57
N GLN A 212 27.87 -1.23 1.40
CA GLN A 212 26.89 -0.12 1.25
C GLN A 212 26.87 0.73 2.53
N LEU A 213 26.71 0.05 3.68
CA LEU A 213 26.71 0.64 5.06
C LEU A 213 28.00 1.40 5.29
N PHE A 214 29.13 0.74 5.02
CA PHE A 214 30.49 1.26 5.26
C PHE A 214 30.71 2.46 4.34
N ARG A 215 30.31 2.35 3.06
CA ARG A 215 30.38 3.48 2.07
C ARG A 215 29.58 4.67 2.59
N ILE A 216 28.36 4.39 3.07
CA ILE A 216 27.49 5.41 3.73
C ILE A 216 28.33 6.01 4.85
N PHE A 217 28.60 5.21 5.89
CA PHE A 217 29.35 5.62 7.11
C PHE A 217 30.50 6.53 6.71
N ARG A 218 31.35 6.14 5.73
CA ARG A 218 32.61 6.85 5.41
C ARG A 218 32.28 8.29 5.06
N THR A 219 31.03 8.55 4.66
CA THR A 219 30.55 9.86 4.19
C THR A 219 29.75 10.57 5.29
N LEU A 220 28.84 9.85 5.99
CA LEU A 220 27.85 10.43 6.97
C LEU A 220 28.30 10.25 8.42
N GLY A 221 29.30 9.38 8.68
CA GLY A 221 29.89 9.10 10.00
C GLY A 221 29.24 7.90 10.66
N THR A 222 30.03 6.87 10.97
CA THR A 222 29.58 5.77 11.86
C THR A 222 28.58 6.30 12.90
N PRO A 223 27.30 5.86 12.89
CA PRO A 223 26.29 6.44 13.77
C PRO A 223 26.19 5.73 15.13
N ASP A 224 25.86 6.50 16.19
CA ASP A 224 25.76 6.05 17.61
C ASP A 224 24.36 6.39 18.16
N GLU A 225 24.07 5.87 19.36
CA GLU A 225 22.81 6.09 20.08
C GLU A 225 22.50 7.58 20.24
N VAL A 226 23.48 8.44 20.04
CA VAL A 226 23.32 9.94 19.96
C VAL A 226 22.58 10.28 18.66
N VAL A 227 23.20 10.17 17.48
CA VAL A 227 22.61 10.75 16.22
C VAL A 227 21.40 9.92 15.80
N TRP A 228 21.22 8.78 16.44
CA TRP A 228 20.23 7.78 15.98
C TRP A 228 19.96 6.79 17.11
N PRO A 229 19.08 7.21 18.06
CA PRO A 229 18.59 6.32 19.12
C PRO A 229 18.12 4.97 18.56
N GLY A 230 18.34 3.89 19.29
CA GLY A 230 17.99 2.53 18.86
C GLY A 230 19.13 1.89 18.08
N VAL A 231 19.90 2.67 17.32
CA VAL A 231 20.84 2.12 16.30
C VAL A 231 21.59 0.93 16.91
N THR A 232 22.18 1.08 18.10
CA THR A 232 23.15 0.12 18.72
C THR A 232 22.49 -1.23 19.01
N SER A 233 21.20 -1.26 19.37
CA SER A 233 20.42 -2.47 19.74
C SER A 233 19.90 -3.16 18.49
N MET A 234 19.81 -2.42 17.37
CA MET A 234 19.30 -2.89 16.04
C MET A 234 20.00 -4.17 15.59
N PRO A 235 19.30 -5.09 14.87
CA PRO A 235 19.79 -6.44 14.61
C PRO A 235 21.15 -6.62 13.89
N ASP A 236 21.38 -5.91 12.79
CA ASP A 236 22.60 -6.09 11.96
C ASP A 236 23.65 -5.05 12.36
N TYR A 237 23.36 -4.20 13.35
CA TYR A 237 24.40 -3.36 13.98
C TYR A 237 25.38 -4.33 14.65
N LYS A 238 26.66 -4.11 14.40
CA LYS A 238 27.75 -4.79 15.15
C LYS A 238 28.57 -3.69 15.81
N PRO A 239 28.94 -3.86 17.09
CA PRO A 239 29.88 -2.93 17.74
C PRO A 239 31.25 -2.82 17.01
N SER A 240 31.57 -3.80 16.15
CA SER A 240 32.79 -3.88 15.32
C SER A 240 32.92 -2.73 14.30
N PHE A 241 31.82 -2.21 13.76
CA PHE A 241 31.89 -1.19 12.68
C PHE A 241 33.04 -0.23 12.99
N PRO A 242 33.92 0.12 12.02
CA PRO A 242 34.86 1.22 12.21
C PRO A 242 34.11 2.52 12.54
N LYS A 243 34.86 3.54 12.98
CA LYS A 243 34.36 4.93 13.21
C LYS A 243 34.92 5.82 12.11
N TRP A 244 34.07 6.60 11.49
CA TRP A 244 34.46 7.62 10.48
C TRP A 244 33.77 8.91 10.90
N ALA A 245 34.45 10.03 10.74
CA ALA A 245 33.90 11.40 10.91
C ALA A 245 32.96 11.67 9.74
N ARG A 246 31.73 12.06 10.01
CA ARG A 246 30.98 12.81 8.97
C ARG A 246 31.98 13.78 8.31
N GLN A 247 31.73 14.15 7.05
CA GLN A 247 32.55 15.11 6.28
C GLN A 247 31.73 16.38 6.04
N ASP A 248 32.43 17.48 5.73
CA ASP A 248 31.84 18.74 5.23
C ASP A 248 31.07 18.41 3.94
N PHE A 249 29.82 18.85 3.85
CA PHE A 249 28.96 18.65 2.66
C PHE A 249 29.41 19.54 1.48
N SER A 250 30.25 20.56 1.75
CA SER A 250 30.86 21.46 0.73
C SER A 250 31.90 20.71 -0.10
N LYS A 251 32.33 19.53 0.36
CA LYS A 251 33.30 18.65 -0.35
C LYS A 251 32.55 17.52 -1.05
N VAL A 252 31.53 16.94 -0.38
CA VAL A 252 30.79 15.73 -0.83
C VAL A 252 29.90 16.08 -2.02
N VAL A 253 29.40 17.32 -2.10
CA VAL A 253 28.59 17.85 -3.23
C VAL A 253 28.96 19.31 -3.48
N PRO A 254 30.22 19.60 -3.89
CA PRO A 254 30.75 20.96 -3.84
C PRO A 254 29.84 22.02 -4.45
N PRO A 255 29.23 21.78 -5.64
CA PRO A 255 28.45 22.81 -6.35
C PRO A 255 27.19 23.42 -5.68
N LEU A 256 26.89 23.07 -4.42
CA LEU A 256 25.53 23.20 -3.82
C LEU A 256 25.51 24.31 -2.76
N ASP A 257 24.64 25.31 -2.94
CA ASP A 257 24.46 26.46 -2.03
C ASP A 257 24.07 25.92 -0.64
N GLU A 258 24.32 26.66 0.45
CA GLU A 258 23.94 26.18 1.80
C GLU A 258 22.49 25.70 1.76
N ASP A 259 21.63 26.39 0.99
CA ASP A 259 20.18 26.08 0.96
C ASP A 259 20.04 24.62 0.46
N GLY A 260 20.73 24.22 -0.60
CA GLY A 260 20.79 22.79 -0.97
C GLY A 260 21.41 21.90 0.12
N ARG A 261 22.62 22.22 0.57
CA ARG A 261 23.52 21.31 1.33
C ARG A 261 22.85 20.96 2.65
N SER A 262 22.10 21.90 3.21
CA SER A 262 21.20 21.70 4.37
C SER A 262 20.15 20.67 3.97
N LEU A 263 19.21 21.06 3.09
CA LEU A 263 18.12 20.20 2.57
C LEU A 263 18.64 18.76 2.51
N LEU A 264 19.71 18.53 1.75
CA LEU A 264 20.25 17.15 1.50
C LEU A 264 20.52 16.45 2.85
N SER A 265 21.13 17.13 3.82
CA SER A 265 21.54 16.54 5.12
C SER A 265 20.31 16.00 5.84
N GLN A 266 19.22 16.77 5.84
CA GLN A 266 17.91 16.42 6.47
C GLN A 266 17.27 15.25 5.70
N MET A 267 17.55 15.11 4.41
CA MET A 267 17.03 14.00 3.55
C MET A 267 17.79 12.71 3.88
N LEU A 268 19.02 12.84 4.41
CA LEU A 268 19.94 11.72 4.75
C LEU A 268 20.25 11.73 6.26
N HIS A 269 19.38 12.34 7.07
CA HIS A 269 19.39 12.09 8.54
C HIS A 269 19.42 10.57 8.68
N TYR A 270 20.15 10.02 9.65
CA TYR A 270 20.14 8.55 9.89
C TYR A 270 18.80 8.13 10.48
N ASP A 271 18.28 8.91 11.44
CA ASP A 271 17.02 8.61 12.18
C ASP A 271 15.82 8.85 11.28
N PRO A 272 15.12 7.78 10.87
CA PRO A 272 13.94 7.90 10.00
C PRO A 272 12.85 8.79 10.61
N ASN A 273 12.77 8.76 11.93
CA ASN A 273 11.85 9.62 12.69
C ASN A 273 12.21 11.06 12.33
N LYS A 274 13.47 11.42 12.48
CA LYS A 274 13.92 12.82 12.29
C LYS A 274 14.06 13.13 10.79
N ARG A 275 14.18 12.12 9.94
CA ARG A 275 14.39 12.41 8.50
C ARG A 275 13.25 13.32 8.00
N ILE A 276 13.55 14.26 7.12
CA ILE A 276 12.56 15.25 6.59
C ILE A 276 11.49 14.44 5.87
N SER A 277 10.26 14.98 5.81
CA SER A 277 9.14 14.44 5.02
C SER A 277 9.17 15.05 3.61
N ALA A 278 8.48 14.38 2.67
CA ALA A 278 8.16 14.91 1.32
C ALA A 278 7.55 16.30 1.46
N LYS A 279 6.40 16.41 2.13
CA LYS A 279 5.64 17.68 2.22
C LYS A 279 6.56 18.82 2.69
N ALA A 280 7.32 18.58 3.77
CA ALA A 280 8.18 19.56 4.47
C ALA A 280 9.37 19.99 3.59
N ALA A 281 9.92 19.06 2.82
CA ALA A 281 10.95 19.34 1.80
C ALA A 281 10.48 20.51 0.92
N LEU A 282 9.29 20.42 0.30
CA LEU A 282 8.71 21.50 -0.53
C LEU A 282 8.85 22.90 0.16
N ALA A 283 8.69 22.97 1.49
CA ALA A 283 8.79 24.20 2.30
C ALA A 283 10.22 24.76 2.30
N HIS A 284 11.23 23.90 2.27
CA HIS A 284 12.65 24.30 2.46
C HIS A 284 13.02 25.51 1.64
N PRO A 285 13.85 26.42 2.21
CA PRO A 285 14.34 27.63 1.53
C PRO A 285 15.00 27.40 0.16
N PHE A 286 15.47 26.19 -0.08
CA PHE A 286 16.17 25.81 -1.33
C PHE A 286 15.27 26.16 -2.49
N PHE A 287 13.96 25.99 -2.27
CA PHE A 287 12.91 26.22 -3.28
C PHE A 287 12.41 27.66 -3.13
N GLN A 288 13.12 28.51 -2.39
CA GLN A 288 12.78 29.95 -2.21
C GLN A 288 12.22 30.50 -3.53
N ASP A 289 12.95 30.31 -4.62
CA ASP A 289 12.52 30.68 -6.00
C ASP A 289 11.14 30.07 -6.30
N VAL A 290 10.98 28.73 -6.26
CA VAL A 290 9.71 28.03 -6.67
C VAL A 290 8.70 27.98 -5.49
N THR A 291 9.11 28.31 -4.25
CA THR A 291 8.26 28.35 -3.01
C THR A 291 7.37 29.61 -3.05
N LYS A 292 6.05 29.46 -2.94
CA LYS A 292 5.05 30.58 -2.88
C LYS A 292 3.96 30.25 -1.88
N PRO A 293 4.07 30.69 -0.60
CA PRO A 293 3.23 30.15 0.47
C PRO A 293 1.74 30.51 0.34
N VAL A 294 0.92 29.83 1.13
CA VAL A 294 -0.56 30.05 1.26
C VAL A 294 -0.86 30.36 2.73
N PRO A 295 -2.13 30.68 3.07
CA PRO A 295 -2.57 30.79 4.46
C PRO A 295 -2.74 29.47 5.25
N HIS A 296 -3.22 29.56 6.50
CA HIS A 296 -3.38 28.43 7.46
C HIS A 296 -4.57 28.72 8.38
N LEU A 297 -5.71 28.04 8.18
CA LEU A 297 -6.81 28.03 9.18
C LEU A 297 -6.40 27.09 10.34
N ARG A 298 -6.83 27.40 11.57
CA ARG A 298 -6.51 26.61 12.78
C ARG A 298 -7.58 25.51 12.97
N GLY B 1 -15.40 14.38 10.72
CA GLY B 1 -14.31 15.11 11.47
C GLY B 1 -13.16 14.19 11.86
N SER B 2 -11.92 14.57 11.51
CA SER B 2 -10.66 13.76 11.56
C SER B 2 -10.15 13.51 12.98
N PRO B 3 -10.08 12.24 13.46
CA PRO B 3 -9.57 11.92 14.79
C PRO B 3 -8.07 11.60 14.79
N LEU B 4 -7.37 11.95 13.71
CA LEU B 4 -5.92 11.73 13.54
C LEU B 4 -5.17 12.85 14.24
N PRO B 5 -3.99 12.56 14.85
CA PRO B 5 -3.14 13.60 15.42
C PRO B 5 -2.31 14.30 14.35
N VAL B 6 -1.71 15.45 14.67
CA VAL B 6 -0.77 16.19 13.77
C VAL B 6 0.23 15.21 13.14
N LEU B 7 0.03 14.89 11.85
CA LEU B 7 0.88 13.98 11.03
C LEU B 7 2.14 14.72 10.57
N SER B 8 3.22 13.98 10.30
CA SER B 8 4.56 14.49 9.89
C SER B 8 4.75 14.43 8.36
N TRP B 9 4.31 13.32 7.75
CA TRP B 9 4.51 12.96 6.31
C TRP B 9 3.54 13.74 5.41
N ALA B 10 2.34 14.05 5.94
CA ALA B 10 1.26 14.80 5.26
C ALA B 10 0.30 15.52 6.23
N ASN B 11 -0.67 16.27 5.70
CA ASN B 11 -1.73 17.00 6.45
C ASN B 11 -2.72 15.97 6.98
N ARG B 12 -2.73 15.75 8.32
CA ARG B 12 -3.64 14.78 9.00
C ARG B 12 -5.05 14.87 8.40
N GLU B 13 -5.58 16.08 8.13
CA GLU B 13 -6.93 16.28 7.52
C GLU B 13 -6.90 15.76 6.07
N GLU B 14 -5.87 16.15 5.31
CA GLU B 14 -5.65 15.67 3.91
C GLU B 14 -5.79 14.14 3.90
N VAL B 15 -4.93 13.45 4.65
CA VAL B 15 -4.87 11.96 4.72
C VAL B 15 -6.25 11.41 5.00
N TRP B 16 -6.91 11.94 6.04
CA TRP B 16 -8.19 11.38 6.56
C TRP B 16 -9.24 11.53 5.47
N LYS B 17 -9.26 12.69 4.81
CA LYS B 17 -10.23 13.05 3.75
C LYS B 17 -10.07 12.07 2.58
N ILE B 18 -8.85 11.89 2.07
CA ILE B 18 -8.53 10.90 1.00
C ILE B 18 -9.16 9.57 1.40
N MET B 19 -8.82 9.11 2.60
CA MET B 19 -9.37 7.85 3.18
C MET B 19 -10.90 7.91 3.13
N LEU B 20 -11.48 9.05 3.47
CA LEU B 20 -12.95 9.17 3.48
C LEU B 20 -13.41 9.08 2.02
N ASN B 21 -12.87 9.95 1.15
CA ASN B 21 -13.20 10.07 -0.31
C ASN B 21 -13.13 8.71 -0.99
N LYS B 22 -12.16 7.91 -0.56
CA LYS B 22 -12.00 6.50 -0.98
C LYS B 22 -13.31 5.73 -0.66
N GLU B 23 -13.87 5.89 0.53
CA GLU B 23 -14.99 5.02 0.98
C GLU B 23 -16.28 5.43 0.24
N LYS B 24 -16.19 6.31 -0.76
CA LYS B 24 -17.26 6.68 -1.75
C LYS B 24 -17.06 5.86 -3.02
N THR B 25 -16.19 6.29 -3.94
CA THR B 25 -15.69 5.45 -5.07
C THR B 25 -15.98 3.95 -4.81
N TYR B 26 -15.76 3.45 -3.57
CA TYR B 26 -15.97 2.03 -3.19
C TYR B 26 -17.40 1.86 -2.68
N LEU B 27 -18.25 1.16 -3.44
CA LEU B 27 -19.72 1.15 -3.20
C LEU B 27 -20.20 -0.27 -2.93
N ARG B 28 -21.23 -0.41 -2.09
CA ARG B 28 -21.83 -1.73 -1.73
C ARG B 28 -23.34 -1.54 -1.59
N ASP B 29 -24.11 -2.61 -1.79
CA ASP B 29 -25.60 -2.58 -1.84
C ASP B 29 -26.12 -3.75 -1.01
N GLN B 30 -26.56 -3.49 0.22
CA GLN B 30 -27.12 -4.54 1.11
C GLN B 30 -28.14 -5.43 0.38
N HIS B 31 -28.87 -4.88 -0.61
CA HIS B 31 -29.96 -5.57 -1.36
C HIS B 31 -29.53 -5.85 -2.80
N PHE B 32 -28.39 -6.52 -3.02
CA PHE B 32 -27.91 -6.92 -4.37
C PHE B 32 -28.38 -8.34 -4.69
N LEU B 33 -28.71 -9.16 -3.67
CA LEU B 33 -29.10 -10.59 -3.85
C LEU B 33 -30.51 -10.71 -4.43
N GLU B 34 -31.15 -9.57 -4.77
CA GLU B 34 -32.47 -9.48 -5.46
C GLU B 34 -32.31 -9.49 -6.99
N GLN B 35 -31.13 -9.12 -7.50
CA GLN B 35 -30.76 -9.16 -8.95
C GLN B 35 -30.47 -10.61 -9.38
N HIS B 36 -30.30 -11.51 -8.41
CA HIS B 36 -30.04 -12.97 -8.59
C HIS B 36 -31.22 -13.77 -8.03
N PRO B 37 -32.49 -13.45 -8.42
CA PRO B 37 -33.67 -13.82 -7.65
C PRO B 37 -33.64 -15.22 -7.01
N LEU B 38 -32.92 -16.17 -7.60
CA LEU B 38 -32.84 -17.56 -7.07
C LEU B 38 -31.88 -17.63 -5.87
N LEU B 39 -31.10 -16.57 -5.62
CA LEU B 39 -30.11 -16.49 -4.51
C LEU B 39 -30.77 -15.97 -3.21
N GLN B 40 -30.44 -16.62 -2.08
CA GLN B 40 -30.92 -16.31 -0.70
C GLN B 40 -29.77 -15.74 0.13
N PRO B 41 -30.03 -14.84 1.12
CA PRO B 41 -28.99 -14.37 2.04
C PRO B 41 -28.21 -15.48 2.75
N LYS B 42 -28.90 -16.37 3.48
CA LYS B 42 -28.29 -17.39 4.38
C LYS B 42 -27.16 -18.15 3.67
N MET B 43 -27.15 -18.16 2.32
CA MET B 43 -26.08 -18.70 1.42
C MET B 43 -24.76 -17.93 1.67
N ARG B 44 -24.79 -16.62 1.36
CA ARG B 44 -23.64 -15.68 1.41
C ARG B 44 -22.91 -15.87 2.74
N ALA B 45 -23.68 -15.84 3.83
CA ALA B 45 -23.25 -16.19 5.19
C ALA B 45 -22.33 -17.43 5.20
N ILE B 46 -22.75 -18.56 4.60
CA ILE B 46 -22.06 -19.87 4.83
C ILE B 46 -20.75 -19.86 4.05
N LEU B 47 -20.77 -19.23 2.87
CA LEU B 47 -19.59 -19.02 2.00
C LEU B 47 -18.52 -18.21 2.77
N LEU B 48 -18.94 -17.09 3.35
CA LEU B 48 -18.00 -16.16 4.03
C LEU B 48 -17.40 -16.93 5.20
N ASP B 49 -18.22 -17.71 5.92
CA ASP B 49 -17.80 -18.52 7.10
C ASP B 49 -16.81 -19.60 6.68
N TRP B 50 -16.98 -20.15 5.48
CA TRP B 50 -16.06 -21.15 4.86
C TRP B 50 -14.68 -20.47 4.68
N LEU B 51 -14.65 -19.35 3.94
CA LEU B 51 -13.44 -18.55 3.63
C LEU B 51 -12.61 -18.25 4.89
N MET B 52 -13.28 -17.88 5.97
CA MET B 52 -12.60 -17.62 7.25
C MET B 52 -11.82 -18.89 7.62
N GLU B 53 -12.54 -20.00 7.72
CA GLU B 53 -11.95 -21.30 8.16
C GLU B 53 -10.65 -21.49 7.35
N VAL B 54 -10.73 -21.29 6.04
CA VAL B 54 -9.62 -21.62 5.10
C VAL B 54 -8.48 -20.64 5.38
N CYS B 55 -8.83 -19.36 5.60
CA CYS B 55 -7.88 -18.27 5.92
C CYS B 55 -7.12 -18.66 7.19
N GLU B 56 -7.81 -19.32 8.13
CA GLU B 56 -7.22 -19.72 9.44
C GLU B 56 -6.14 -20.75 9.16
N VAL B 57 -6.52 -21.85 8.50
CA VAL B 57 -5.67 -23.08 8.36
C VAL B 57 -4.35 -22.70 7.66
N TYR B 58 -4.42 -21.71 6.75
CA TYR B 58 -3.28 -21.19 5.94
C TYR B 58 -2.70 -19.90 6.55
N LYS B 59 -3.17 -19.51 7.74
CA LYS B 59 -2.57 -18.41 8.55
C LYS B 59 -2.57 -17.15 7.68
N LEU B 60 -3.68 -16.91 7.02
CA LEU B 60 -3.92 -15.70 6.20
C LEU B 60 -4.21 -14.54 7.15
N HIS B 61 -4.19 -13.32 6.63
CA HIS B 61 -4.48 -12.06 7.35
C HIS B 61 -6.00 -11.77 7.32
N ARG B 62 -6.54 -11.24 8.42
CA ARG B 62 -7.96 -10.79 8.49
C ARG B 62 -8.21 -9.91 7.28
N GLU B 63 -7.26 -9.02 7.03
CA GLU B 63 -7.26 -8.01 5.95
C GLU B 63 -7.53 -8.73 4.63
N THR B 64 -6.72 -9.76 4.35
CA THR B 64 -6.90 -10.70 3.23
C THR B 64 -8.37 -11.12 3.22
N PHE B 65 -8.86 -11.67 4.34
CA PHE B 65 -10.27 -12.10 4.46
C PHE B 65 -11.19 -11.01 3.89
N TYR B 66 -11.16 -9.83 4.52
CA TYR B 66 -12.11 -8.71 4.26
C TYR B 66 -11.95 -8.28 2.80
N LEU B 67 -10.74 -8.28 2.24
CA LEU B 67 -10.54 -8.03 0.80
C LEU B 67 -11.38 -9.01 -0.03
N ALA B 68 -11.49 -10.25 0.42
CA ALA B 68 -12.31 -11.31 -0.20
C ALA B 68 -13.79 -10.92 -0.16
N GLN B 69 -14.35 -10.85 1.06
CA GLN B 69 -15.73 -10.31 1.25
C GLN B 69 -15.92 -9.22 0.18
N ASP B 70 -15.14 -8.13 0.27
CA ASP B 70 -15.37 -6.86 -0.45
C ASP B 70 -15.39 -7.11 -1.95
N PHE B 71 -14.47 -7.94 -2.43
CA PHE B 71 -14.37 -8.32 -3.86
C PHE B 71 -15.64 -9.06 -4.27
N PHE B 72 -16.00 -10.12 -3.54
CA PHE B 72 -17.35 -10.79 -3.63
C PHE B 72 -18.47 -9.74 -3.79
N ASP B 73 -18.91 -9.12 -2.68
CA ASP B 73 -20.12 -8.27 -2.63
C ASP B 73 -20.11 -7.14 -3.67
N ARG B 74 -18.95 -6.61 -4.05
CA ARG B 74 -18.89 -5.53 -5.07
C ARG B 74 -19.14 -6.15 -6.45
N TYR B 75 -18.51 -7.30 -6.70
CA TYR B 75 -18.53 -8.04 -7.99
C TYR B 75 -19.97 -8.48 -8.32
N MET B 76 -20.67 -9.08 -7.34
CA MET B 76 -22.03 -9.65 -7.53
C MET B 76 -22.98 -8.53 -8.02
N ALA B 77 -22.89 -7.34 -7.44
CA ALA B 77 -23.73 -6.16 -7.81
C ALA B 77 -23.38 -5.60 -9.21
N THR B 78 -22.38 -6.19 -9.90
CA THR B 78 -22.08 -5.96 -11.34
C THR B 78 -22.63 -7.12 -12.17
N GLN B 79 -22.99 -8.24 -11.51
CA GLN B 79 -23.56 -9.47 -12.13
C GLN B 79 -25.09 -9.54 -11.98
N GLU B 80 -25.69 -10.52 -12.66
CA GLU B 80 -27.15 -10.83 -12.68
C GLU B 80 -27.34 -12.36 -12.68
N ASN B 81 -28.37 -12.85 -11.98
CA ASN B 81 -28.85 -14.26 -12.02
C ASN B 81 -27.65 -15.20 -11.96
N VAL B 82 -27.30 -15.65 -10.76
CA VAL B 82 -26.14 -16.55 -10.53
C VAL B 82 -26.65 -17.74 -9.73
N VAL B 83 -26.03 -18.90 -9.92
CA VAL B 83 -26.43 -20.18 -9.30
C VAL B 83 -25.57 -20.42 -8.05
N LYS B 84 -26.12 -21.16 -7.09
CA LYS B 84 -25.42 -21.55 -5.82
C LYS B 84 -24.09 -22.27 -6.14
N THR B 85 -24.05 -23.13 -7.16
CA THR B 85 -22.85 -23.90 -7.59
C THR B 85 -21.68 -22.94 -7.85
N LEU B 86 -21.93 -21.83 -8.55
CA LEU B 86 -20.91 -20.83 -9.01
C LEU B 86 -20.21 -20.17 -7.81
N LEU B 87 -20.91 -20.01 -6.67
CA LEU B 87 -20.46 -19.18 -5.51
C LEU B 87 -19.20 -19.78 -4.88
N GLN B 88 -19.03 -21.11 -4.84
CA GLN B 88 -17.78 -21.67 -4.24
C GLN B 88 -16.57 -21.10 -4.99
N LEU B 89 -16.66 -21.00 -6.32
CA LEU B 89 -15.57 -20.56 -7.25
C LEU B 89 -15.36 -19.05 -7.16
N ILE B 90 -16.44 -18.26 -7.05
CA ILE B 90 -16.36 -16.78 -7.09
C ILE B 90 -15.73 -16.27 -5.79
N GLY B 91 -16.00 -16.93 -4.67
CA GLY B 91 -15.45 -16.57 -3.36
C GLY B 91 -13.96 -16.91 -3.27
N ILE B 92 -13.60 -18.15 -3.56
CA ILE B 92 -12.20 -18.62 -3.42
C ILE B 92 -11.31 -17.96 -4.50
N SER B 93 -11.90 -17.55 -5.64
CA SER B 93 -11.23 -16.72 -6.67
C SER B 93 -10.93 -15.35 -6.07
N SER B 94 -11.96 -14.67 -5.59
CA SER B 94 -11.85 -13.44 -4.78
C SER B 94 -10.68 -13.61 -3.79
N LEU B 95 -10.70 -14.65 -2.96
CA LEU B 95 -9.71 -14.75 -1.87
C LEU B 95 -8.31 -14.81 -2.48
N PHE B 96 -8.18 -15.60 -3.55
CA PHE B 96 -6.90 -15.85 -4.24
C PHE B 96 -6.30 -14.50 -4.60
N ILE B 97 -7.15 -13.61 -5.12
CA ILE B 97 -6.68 -12.27 -5.61
C ILE B 97 -6.13 -11.56 -4.37
N ALA B 98 -6.91 -11.53 -3.29
CA ALA B 98 -6.54 -10.92 -2.00
C ALA B 98 -5.20 -11.48 -1.49
N ALA B 99 -5.15 -12.78 -1.24
CA ALA B 99 -3.95 -13.45 -0.75
C ALA B 99 -2.74 -12.94 -1.54
N LYS B 100 -2.80 -13.06 -2.88
CA LYS B 100 -1.72 -12.58 -3.80
C LYS B 100 -1.35 -11.13 -3.44
N LEU B 101 -2.34 -10.35 -3.02
CA LEU B 101 -2.26 -8.88 -2.77
C LEU B 101 -1.64 -8.62 -1.39
N GLU B 102 -2.08 -9.34 -0.35
CA GLU B 102 -1.82 -8.95 1.05
C GLU B 102 -0.66 -9.73 1.67
N GLU B 103 -0.52 -11.04 1.38
CA GLU B 103 0.50 -11.88 2.06
C GLU B 103 1.88 -11.54 1.50
N ILE B 104 2.96 -11.95 2.16
CA ILE B 104 4.29 -11.97 1.49
C ILE B 104 4.44 -13.30 0.73
N TYR B 105 4.15 -14.43 1.38
CA TYR B 105 4.30 -15.80 0.80
C TYR B 105 2.91 -16.44 0.65
N PRO B 106 2.12 -15.99 -0.36
CA PRO B 106 0.73 -16.41 -0.49
C PRO B 106 0.64 -17.90 -0.80
N PRO B 107 -0.51 -18.55 -0.56
CA PRO B 107 -0.65 -19.96 -0.90
C PRO B 107 -0.68 -20.09 -2.44
N LYS B 108 -0.25 -21.25 -2.95
CA LYS B 108 -0.06 -21.52 -4.40
C LYS B 108 -1.40 -21.94 -5.00
N LEU B 109 -1.55 -21.78 -6.32
CA LEU B 109 -2.88 -21.92 -7.00
C LEU B 109 -3.47 -23.28 -6.62
N HIS B 110 -2.71 -24.37 -6.72
CA HIS B 110 -3.23 -25.74 -6.46
C HIS B 110 -3.81 -25.78 -5.04
N GLN B 111 -3.11 -25.24 -4.02
CA GLN B 111 -3.62 -25.29 -2.64
C GLN B 111 -5.01 -24.66 -2.63
N PHE B 112 -5.23 -23.63 -3.46
CA PHE B 112 -6.54 -22.92 -3.59
C PHE B 112 -7.59 -23.78 -4.31
N ALA B 113 -7.25 -24.38 -5.45
CA ALA B 113 -8.06 -25.46 -6.08
C ALA B 113 -8.31 -26.54 -5.01
N TYR B 114 -7.22 -27.07 -4.41
CA TYR B 114 -7.23 -28.21 -3.44
C TYR B 114 -8.51 -28.14 -2.62
N VAL B 115 -8.60 -27.10 -1.79
CA VAL B 115 -9.63 -26.85 -0.76
C VAL B 115 -11.03 -27.09 -1.35
N THR B 116 -11.21 -26.79 -2.64
CA THR B 116 -12.50 -26.94 -3.37
C THR B 116 -12.86 -28.43 -3.51
N ASP B 117 -11.95 -29.34 -3.16
CA ASP B 117 -12.20 -30.80 -3.25
C ASP B 117 -12.72 -31.09 -4.66
N GLY B 118 -11.98 -30.63 -5.66
CA GLY B 118 -12.26 -30.92 -7.08
C GLY B 118 -13.22 -29.92 -7.70
N ALA B 119 -14.29 -29.51 -7.00
CA ALA B 119 -15.41 -28.68 -7.53
C ALA B 119 -14.91 -27.42 -8.25
N CYS B 120 -13.71 -26.93 -7.92
CA CYS B 120 -12.98 -25.86 -8.67
C CYS B 120 -11.52 -26.27 -8.90
N SER B 121 -11.06 -26.16 -10.14
CA SER B 121 -9.67 -26.49 -10.52
C SER B 121 -8.95 -25.18 -10.84
N GLY B 122 -7.63 -25.15 -10.61
CA GLY B 122 -6.76 -23.97 -10.77
C GLY B 122 -7.09 -23.17 -12.02
N ASP B 123 -7.45 -23.86 -13.12
CA ASP B 123 -7.67 -23.23 -14.44
C ASP B 123 -8.95 -22.40 -14.40
N GLU B 124 -9.96 -22.88 -13.67
CA GLU B 124 -11.27 -22.19 -13.55
C GLU B 124 -11.05 -20.87 -12.78
N ILE B 125 -10.45 -21.00 -11.60
CA ILE B 125 -9.98 -19.93 -10.66
C ILE B 125 -9.22 -18.82 -11.42
N LEU B 126 -8.27 -19.20 -12.29
CA LEU B 126 -7.45 -18.26 -13.13
C LEU B 126 -8.32 -17.47 -14.11
N THR B 127 -9.41 -18.05 -14.63
CA THR B 127 -10.38 -17.39 -15.55
C THR B 127 -11.21 -16.39 -14.74
N MET B 128 -11.72 -16.87 -13.61
CA MET B 128 -12.61 -16.13 -12.67
C MET B 128 -11.89 -14.86 -12.17
N GLU B 129 -10.73 -15.03 -11.51
CA GLU B 129 -9.87 -13.93 -11.00
C GLU B 129 -9.90 -12.78 -12.01
N LEU B 130 -9.95 -13.10 -13.31
CA LEU B 130 -9.88 -12.11 -14.40
C LEU B 130 -11.26 -11.49 -14.71
N MET B 131 -12.35 -12.26 -14.72
CA MET B 131 -13.70 -11.67 -14.88
C MET B 131 -14.00 -10.75 -13.67
N ILE B 132 -13.64 -11.22 -12.45
CA ILE B 132 -13.78 -10.44 -11.19
C ILE B 132 -13.00 -9.16 -11.39
N MET B 133 -11.71 -9.23 -11.73
CA MET B 133 -10.80 -8.04 -11.65
C MET B 133 -11.19 -7.00 -12.71
N LYS B 134 -11.76 -7.47 -13.83
CA LYS B 134 -12.25 -6.59 -14.92
C LYS B 134 -13.63 -6.02 -14.57
N ALA B 135 -14.32 -6.62 -13.59
CA ALA B 135 -15.69 -6.27 -13.13
C ALA B 135 -15.66 -5.31 -11.93
N LEU B 136 -14.58 -5.29 -11.16
CA LEU B 136 -14.39 -4.30 -10.08
C LEU B 136 -13.64 -3.13 -10.70
N LYS B 137 -13.26 -3.30 -11.97
CA LYS B 137 -12.61 -2.27 -12.82
C LYS B 137 -11.21 -2.00 -12.22
N TRP B 138 -10.60 -3.09 -11.72
CA TRP B 138 -9.22 -3.12 -11.16
C TRP B 138 -9.14 -2.18 -9.93
N ARG B 139 -10.19 -2.19 -9.10
CA ARG B 139 -10.29 -1.33 -7.90
C ARG B 139 -10.22 -2.26 -6.70
N LEU B 140 -9.00 -2.53 -6.22
CA LEU B 140 -8.74 -3.69 -5.33
C LEU B 140 -8.02 -3.21 -4.08
N SER B 141 -8.27 -1.95 -3.74
CA SER B 141 -7.57 -1.12 -2.73
C SER B 141 -8.65 -0.48 -1.86
N PRO B 142 -9.67 -1.22 -1.42
CA PRO B 142 -10.70 -0.65 -0.56
C PRO B 142 -10.17 -0.67 0.88
N LEU B 143 -10.55 0.33 1.67
CA LEU B 143 -10.36 0.32 3.13
C LEU B 143 -11.39 -0.66 3.68
N THR B 144 -10.93 -1.74 4.31
CA THR B 144 -11.73 -2.92 4.73
C THR B 144 -12.34 -2.70 6.11
N ILE B 145 -13.39 -3.44 6.46
CA ILE B 145 -13.96 -3.45 7.85
C ILE B 145 -12.79 -3.48 8.85
N VAL B 146 -11.94 -4.52 8.84
CA VAL B 146 -10.80 -4.63 9.81
C VAL B 146 -9.82 -3.46 9.62
N SER B 147 -9.49 -3.09 8.39
CA SER B 147 -8.55 -1.96 8.15
C SER B 147 -8.87 -0.81 9.14
N TRP B 148 -10.13 -0.41 9.30
CA TRP B 148 -10.53 0.71 10.19
C TRP B 148 -10.19 0.32 11.62
N LEU B 149 -10.65 -0.86 12.07
CA LEU B 149 -10.49 -1.28 13.49
C LEU B 149 -9.01 -1.09 13.88
N ASN B 150 -8.06 -1.44 12.99
CA ASN B 150 -6.60 -1.22 13.20
C ASN B 150 -6.32 0.29 13.37
N VAL B 151 -6.74 1.12 12.41
CA VAL B 151 -6.67 2.60 12.55
C VAL B 151 -7.09 2.98 13.99
N TYR B 152 -8.34 2.69 14.33
CA TYR B 152 -9.02 3.14 15.58
C TYR B 152 -8.22 2.69 16.81
N MET B 153 -7.80 1.42 16.86
CA MET B 153 -7.02 0.86 17.99
C MET B 153 -5.71 1.64 18.09
N GLN B 154 -5.08 1.94 16.95
CA GLN B 154 -3.80 2.68 17.00
C GLN B 154 -4.06 4.08 17.56
N VAL B 155 -5.12 4.73 17.08
CA VAL B 155 -5.45 6.12 17.52
C VAL B 155 -5.84 6.11 19.00
N ALA B 156 -6.26 4.98 19.56
CA ALA B 156 -6.64 4.83 21.00
C ALA B 156 -5.37 4.79 21.87
N TYR B 157 -4.21 4.48 21.31
CA TYR B 157 -2.91 4.57 22.03
C TYR B 157 -2.02 5.61 21.35
N LEU B 158 -2.12 6.83 21.90
CA LEU B 158 -1.50 8.10 21.41
C LEU B 158 -0.07 8.20 21.95
N ASN B 159 0.13 8.06 23.27
CA ASN B 159 1.28 8.55 24.09
C ASN B 159 1.62 9.99 23.65
N ASP B 160 2.82 10.49 23.98
CA ASP B 160 3.21 11.94 23.91
C ASP B 160 3.47 12.36 22.44
N LEU B 161 4.58 11.89 21.83
CA LEU B 161 4.85 12.02 20.37
C LEU B 161 3.76 11.22 19.65
N HIS B 162 2.73 11.91 19.13
CA HIS B 162 1.53 11.29 18.49
C HIS B 162 1.98 10.43 17.29
N GLU B 163 2.70 9.32 17.57
CA GLU B 163 3.27 8.36 16.56
C GLU B 163 2.15 7.41 16.12
N VAL B 164 1.69 7.54 14.89
CA VAL B 164 0.51 6.82 14.34
C VAL B 164 1.00 5.68 13.43
N LEU B 165 2.32 5.46 13.30
CA LEU B 165 2.92 4.49 12.34
C LEU B 165 3.30 3.16 13.04
N LEU B 166 4.17 3.17 14.07
CA LEU B 166 4.51 1.96 14.88
C LEU B 166 3.25 1.44 15.59
N PRO B 167 2.71 0.24 15.25
CA PRO B 167 1.55 -0.30 15.96
C PRO B 167 1.88 -0.57 17.44
N GLN B 168 1.10 0.09 18.31
CA GLN B 168 1.26 0.07 19.79
C GLN B 168 -0.16 -0.03 20.35
N TYR B 169 -0.65 -1.25 20.61
CA TYR B 169 -2.02 -1.53 21.14
C TYR B 169 -2.17 -3.01 21.54
N PRO B 170 -3.10 -3.35 22.49
CA PRO B 170 -3.23 -4.71 23.02
C PRO B 170 -4.05 -5.63 22.09
N GLN B 171 -3.55 -6.84 21.95
CA GLN B 171 -4.04 -7.83 20.97
C GLN B 171 -5.39 -8.39 21.43
N GLN B 172 -5.53 -8.71 22.72
CA GLN B 172 -6.74 -9.42 23.23
C GLN B 172 -7.97 -8.57 22.95
N ILE B 173 -7.92 -7.27 23.26
CA ILE B 173 -9.05 -6.34 22.95
C ILE B 173 -9.31 -6.33 21.42
N PHE B 174 -8.28 -6.20 20.58
CA PHE B 174 -8.48 -6.19 19.11
C PHE B 174 -9.28 -7.43 18.69
N ILE B 175 -8.71 -8.62 18.97
CA ILE B 175 -9.31 -9.98 18.77
C ILE B 175 -10.80 -9.95 19.17
N GLN B 176 -11.10 -9.36 20.32
CA GLN B 176 -12.43 -9.47 20.96
C GLN B 176 -13.43 -8.75 20.07
N ILE B 177 -12.99 -7.65 19.44
CA ILE B 177 -13.81 -6.74 18.57
C ILE B 177 -13.97 -7.35 17.17
N ALA B 178 -12.84 -7.68 16.57
CA ALA B 178 -12.78 -8.48 15.35
C ALA B 178 -13.93 -9.49 15.40
N GLU B 179 -13.92 -10.36 16.42
CA GLU B 179 -14.92 -11.46 16.64
C GLU B 179 -16.33 -10.94 16.35
N LEU B 180 -16.66 -9.74 16.88
CA LEU B 180 -18.00 -9.14 16.71
C LEU B 180 -18.21 -8.72 15.24
N LEU B 181 -17.23 -8.06 14.62
CA LEU B 181 -17.33 -7.69 13.19
C LEU B 181 -17.41 -8.98 12.36
N ASP B 182 -16.49 -9.95 12.60
CA ASP B 182 -16.31 -11.18 11.80
C ASP B 182 -17.66 -11.93 11.75
N LEU B 183 -18.53 -11.74 12.76
CA LEU B 183 -19.99 -12.08 12.68
C LEU B 183 -20.71 -11.04 11.80
N CYS B 184 -21.10 -9.88 12.34
CA CYS B 184 -21.83 -8.78 11.64
C CYS B 184 -21.77 -8.87 10.11
N VAL B 185 -20.66 -9.36 9.55
CA VAL B 185 -20.36 -9.37 8.09
C VAL B 185 -21.20 -10.46 7.40
N LEU B 186 -21.54 -11.52 8.14
CA LEU B 186 -22.31 -12.71 7.65
C LEU B 186 -23.71 -12.31 7.18
N ASP B 187 -24.34 -11.34 7.84
CA ASP B 187 -25.64 -10.76 7.42
C ASP B 187 -25.37 -9.65 6.42
N VAL B 188 -26.06 -9.67 5.28
CA VAL B 188 -25.88 -8.73 4.14
C VAL B 188 -26.33 -7.30 4.49
N ASP B 189 -27.04 -7.06 5.60
CA ASP B 189 -27.69 -5.73 5.79
C ASP B 189 -26.63 -4.74 6.29
N CYS B 190 -25.43 -5.23 6.61
CA CYS B 190 -24.27 -4.40 7.08
C CYS B 190 -23.77 -3.49 5.95
N LEU B 191 -23.84 -3.92 4.68
CA LEU B 191 -23.40 -3.09 3.52
C LEU B 191 -24.14 -1.75 3.54
N GLU B 192 -25.30 -1.71 4.19
CA GLU B 192 -26.09 -0.48 4.47
C GLU B 192 -25.17 0.54 5.14
N PHE B 193 -24.51 0.09 6.21
CA PHE B 193 -23.60 0.93 7.03
C PHE B 193 -22.19 0.85 6.44
N PRO B 194 -21.53 2.01 6.18
CA PRO B 194 -20.13 2.04 5.73
C PRO B 194 -19.23 1.31 6.72
N TYR B 195 -18.09 0.82 6.24
CA TYR B 195 -17.10 0.04 7.02
C TYR B 195 -16.52 0.95 8.13
N GLY B 196 -16.26 2.22 7.83
CA GLY B 196 -15.93 3.21 8.88
C GLY B 196 -16.80 3.02 10.10
N ILE B 197 -18.12 3.04 9.91
CA ILE B 197 -19.15 3.04 10.99
C ILE B 197 -19.26 1.65 11.60
N LEU B 198 -19.33 0.59 10.79
CA LEU B 198 -19.43 -0.79 11.34
C LEU B 198 -18.34 -0.97 12.38
N ALA B 199 -17.11 -0.59 12.03
CA ALA B 199 -15.89 -0.63 12.88
C ALA B 199 -16.05 0.28 14.12
N ALA B 200 -16.43 1.54 13.92
CA ALA B 200 -16.80 2.43 15.03
C ALA B 200 -17.78 1.70 15.94
N SER B 201 -18.97 1.41 15.38
CA SER B 201 -20.14 0.78 16.04
C SER B 201 -19.64 -0.29 17.01
N ALA B 202 -18.92 -1.28 16.47
CA ALA B 202 -18.44 -2.46 17.21
C ALA B 202 -17.56 -1.98 18.39
N LEU B 203 -16.62 -1.07 18.13
CA LEU B 203 -15.67 -0.54 19.15
C LEU B 203 -16.49 0.05 20.31
N TYR B 204 -17.49 0.88 20.01
CA TYR B 204 -18.41 1.45 21.03
C TYR B 204 -18.92 0.31 21.92
N HIS B 205 -19.22 -0.88 21.39
CA HIS B 205 -19.83 -1.97 22.21
C HIS B 205 -18.81 -2.50 23.23
N PHE B 206 -17.51 -2.34 22.98
CA PHE B 206 -16.43 -2.82 23.88
C PHE B 206 -15.83 -1.66 24.70
N SER B 207 -16.38 -0.45 24.56
CA SER B 207 -15.82 0.81 25.12
C SER B 207 -16.94 1.79 25.47
N SER B 208 -17.09 2.89 24.71
CA SER B 208 -17.99 4.05 24.96
C SER B 208 -17.95 5.06 23.79
N SER B 209 -19.01 5.85 23.64
CA SER B 209 -19.17 6.86 22.56
C SER B 209 -18.13 7.96 22.71
N GLU B 210 -17.42 8.02 23.84
CA GLU B 210 -16.33 9.00 24.07
C GLU B 210 -15.06 8.46 23.40
N LEU B 211 -14.69 7.20 23.65
CA LEU B 211 -13.49 6.66 22.97
C LEU B 211 -13.80 6.74 21.49
N MET B 212 -14.86 6.03 21.09
CA MET B 212 -15.34 5.94 19.70
C MET B 212 -15.05 7.27 19.00
N GLN B 213 -15.46 8.39 19.61
CA GLN B 213 -15.43 9.75 19.00
C GLN B 213 -13.96 10.22 18.86
N LYS B 214 -13.10 9.93 19.84
CA LYS B 214 -11.71 10.46 19.85
C LYS B 214 -10.89 9.64 18.86
N VAL B 215 -11.33 8.41 18.58
CA VAL B 215 -10.62 7.46 17.67
C VAL B 215 -11.14 7.63 16.23
N SER B 216 -12.45 7.82 16.04
CA SER B 216 -13.20 7.69 14.76
C SER B 216 -13.66 9.06 14.25
N GLY B 217 -14.03 9.97 15.15
CA GLY B 217 -14.61 11.28 14.82
C GLY B 217 -16.12 11.22 14.84
N TYR B 218 -16.69 10.08 14.47
CA TYR B 218 -18.17 9.91 14.29
C TYR B 218 -18.86 10.32 15.60
N GLN B 219 -19.99 11.03 15.50
CA GLN B 219 -20.79 11.48 16.67
C GLN B 219 -21.82 10.40 17.00
N TRP B 220 -22.18 10.29 18.28
CA TRP B 220 -23.10 9.26 18.79
C TRP B 220 -24.22 8.98 17.78
N CYS B 221 -24.75 10.01 17.11
CA CYS B 221 -25.83 9.92 16.10
C CYS B 221 -25.40 9.09 14.89
N ASP B 222 -24.29 9.48 14.23
CA ASP B 222 -23.76 8.89 12.97
C ASP B 222 -23.80 7.36 13.02
N ILE B 223 -23.66 6.80 14.21
CA ILE B 223 -23.58 5.33 14.38
C ILE B 223 -24.94 4.81 14.85
N GLU B 224 -25.62 5.52 15.78
CA GLU B 224 -26.81 5.02 16.54
C GLU B 224 -27.52 3.91 15.75
N ASN B 225 -27.74 4.15 14.44
CA ASN B 225 -28.41 3.20 13.51
C ASN B 225 -27.80 1.81 13.59
N CYS B 226 -26.51 1.70 13.24
CA CYS B 226 -25.79 0.40 13.15
C CYS B 226 -25.54 -0.12 14.57
N VAL B 227 -25.47 0.77 15.56
CA VAL B 227 -25.26 0.28 16.96
C VAL B 227 -26.62 -0.30 17.40
N LYS B 228 -27.73 0.25 16.90
CA LYS B 228 -29.09 -0.35 17.02
C LYS B 228 -29.12 -1.68 16.27
N TRP B 229 -28.76 -1.64 14.98
CA TRP B 229 -28.75 -2.84 14.10
C TRP B 229 -27.85 -3.92 14.71
N MET B 230 -26.74 -3.51 15.36
CA MET B 230 -25.62 -4.39 15.77
C MET B 230 -25.95 -5.03 17.12
N VAL B 231 -26.83 -4.39 17.90
CA VAL B 231 -27.24 -4.82 19.27
C VAL B 231 -27.34 -6.34 19.27
N PRO B 232 -28.31 -6.94 18.53
CA PRO B 232 -28.46 -8.40 18.52
C PRO B 232 -27.15 -9.22 18.56
N PHE B 233 -26.15 -8.76 17.78
CA PHE B 233 -24.91 -9.52 17.43
C PHE B 233 -23.94 -9.43 18.61
N ALA B 234 -24.06 -8.34 19.36
CA ALA B 234 -23.28 -8.04 20.57
C ALA B 234 -23.66 -9.01 21.69
N MET B 235 -24.96 -9.07 22.05
CA MET B 235 -25.54 -9.92 23.14
C MET B 235 -24.87 -11.30 23.08
N VAL B 236 -24.88 -11.86 21.87
CA VAL B 236 -24.46 -13.26 21.56
C VAL B 236 -22.96 -13.41 21.89
N ILE B 237 -22.12 -12.44 21.52
CA ILE B 237 -20.65 -12.44 21.82
C ILE B 237 -20.48 -12.37 23.34
N ARG B 238 -21.34 -11.57 24.01
CA ARG B 238 -21.31 -11.32 25.48
C ARG B 238 -21.83 -12.55 26.24
N GLU B 239 -23.00 -13.07 25.83
CA GLU B 239 -23.60 -14.33 26.34
C GLU B 239 -22.55 -15.46 26.42
N THR B 240 -21.75 -15.73 25.37
CA THR B 240 -20.78 -16.87 25.32
C THR B 240 -19.49 -16.58 26.09
N GLY B 241 -19.20 -15.29 26.36
CA GLY B 241 -17.87 -14.83 26.77
C GLY B 241 -16.99 -14.64 25.55
N SER B 242 -16.03 -13.70 25.62
CA SER B 242 -15.20 -13.28 24.46
C SER B 242 -13.87 -14.06 24.46
N SER B 243 -13.31 -14.24 23.25
CA SER B 243 -12.22 -15.20 22.88
C SER B 243 -10.87 -14.89 23.55
N LYS B 244 -10.02 -15.93 23.59
CA LYS B 244 -8.61 -15.84 24.03
C LYS B 244 -7.75 -15.73 22.76
N LEU B 245 -6.83 -14.78 22.70
CA LEU B 245 -5.84 -14.66 21.59
C LEU B 245 -4.98 -15.94 21.56
N LYS B 246 -5.06 -16.73 20.49
CA LYS B 246 -4.24 -17.97 20.29
C LYS B 246 -2.91 -17.58 19.61
N HIS B 247 -1.93 -18.49 19.62
CA HIS B 247 -0.64 -18.38 18.89
C HIS B 247 -0.49 -19.58 17.95
N PHE B 248 -0.06 -19.31 16.72
CA PHE B 248 0.15 -20.30 15.64
C PHE B 248 1.64 -20.27 15.32
N ARG B 249 2.39 -21.31 15.69
CA ARG B 249 3.89 -21.29 15.78
C ARG B 249 4.47 -20.91 14.40
N GLY B 250 3.74 -21.11 13.31
CA GLY B 250 4.09 -20.46 12.03
C GLY B 250 4.37 -18.99 12.29
N VAL B 251 3.33 -18.30 12.77
CA VAL B 251 3.20 -16.83 12.90
C VAL B 251 4.04 -16.31 14.08
N ALA B 252 4.79 -15.23 13.86
CA ALA B 252 5.42 -14.42 14.93
C ALA B 252 4.38 -14.03 16.00
N ASP B 253 4.75 -13.14 16.92
CA ASP B 253 3.87 -12.72 18.05
C ASP B 253 3.24 -11.37 17.72
N GLU B 254 4.07 -10.37 17.44
CA GLU B 254 3.61 -9.01 17.02
C GLU B 254 2.92 -9.14 15.64
N ASP B 255 2.18 -10.22 15.42
CA ASP B 255 1.25 -10.31 14.27
C ASP B 255 0.08 -11.25 14.60
N ALA B 256 0.05 -11.91 15.77
CA ALA B 256 -0.84 -13.07 16.07
C ALA B 256 -2.32 -12.63 16.03
N HIS B 257 -2.60 -11.38 16.40
CA HIS B 257 -3.96 -10.76 16.40
C HIS B 257 -4.45 -10.48 14.96
N ASN B 258 -3.57 -10.50 13.95
CA ASN B 258 -3.88 -10.10 12.55
C ASN B 258 -4.29 -11.33 11.74
N ILE B 259 -3.96 -12.53 12.23
CA ILE B 259 -4.35 -13.86 11.66
C ILE B 259 -5.84 -14.14 11.85
N GLN B 260 -6.57 -14.30 10.75
CA GLN B 260 -8.03 -14.60 10.71
C GLN B 260 -8.30 -15.91 11.48
N THR B 261 -9.52 -16.07 12.02
CA THR B 261 -9.92 -17.16 12.95
C THR B 261 -11.37 -17.56 12.64
N HIS B 262 -11.91 -18.53 13.38
CA HIS B 262 -13.23 -19.19 13.15
C HIS B 262 -13.84 -19.77 14.44
N ARG B 263 -15.17 -19.84 14.48
CA ARG B 263 -15.99 -20.58 15.47
C ARG B 263 -17.40 -20.68 14.88
N ASP B 264 -18.13 -21.76 15.15
CA ASP B 264 -19.28 -22.20 14.30
C ASP B 264 -19.96 -20.94 13.74
N SER B 265 -20.34 -19.99 14.61
CA SER B 265 -21.03 -18.71 14.24
C SER B 265 -22.36 -18.98 13.52
N LEU B 266 -22.54 -20.16 12.89
CA LEU B 266 -23.87 -20.72 12.54
C LEU B 266 -24.83 -20.37 13.68
N ASP B 267 -24.73 -21.11 14.78
CA ASP B 267 -25.63 -21.02 15.96
C ASP B 267 -25.79 -19.54 16.34
N LEU B 268 -24.69 -18.78 16.24
CA LEU B 268 -24.56 -17.39 16.76
C LEU B 268 -25.30 -16.38 15.86
N LEU B 269 -25.13 -16.43 14.54
CA LEU B 269 -25.83 -15.48 13.62
C LEU B 269 -27.34 -15.62 13.79
N ASP B 270 -27.82 -16.87 13.97
CA ASP B 270 -29.26 -17.26 14.06
C ASP B 270 -29.95 -16.47 15.20
N LYS B 271 -29.26 -16.34 16.36
CA LYS B 271 -29.78 -15.80 17.64
C LYS B 271 -30.20 -14.32 17.55
N ALA B 272 -30.00 -13.64 16.41
CA ALA B 272 -30.52 -12.28 16.10
C ALA B 272 -31.94 -12.39 15.48
#